data_4B22
#
_entry.id   4B22
#
_cell.length_a   68.480
_cell.length_b   84.520
_cell.length_c   125.750
_cell.angle_alpha   90.00
_cell.angle_beta   90.00
_cell.angle_gamma   90.00
#
_symmetry.space_group_name_H-M   'I 2 2 2'
#
loop_
_entity.id
_entity.type
_entity.pdbx_description
1 polymer 'MAG2, DNA-3-METHYLADENINE GLYCOSYLASE 2'
2 polymer "5'-D(*GP*CP*TP*AP*CP*(3DR)P*CP*AP*TP*CP*GP)-3'"
3 polymer "5'-D(*CP*GP*AP*TP*GP*GP*GP*TP*AP*GP*CP)-3'"
4 water water
#
loop_
_entity_poly.entity_id
_entity_poly.type
_entity_poly.pdbx_seq_one_letter_code
_entity_poly.pdbx_strand_id
1 'polypeptide(L)'
;MGSSHHHHHSSGLVPRGSHMSKDSDYKRAEKHLSSIDNKWSSLVKKVGPCTLTPHPEHAPYEGIIRAITSQKLSDAATNS
IINKFCTQCSDNDEFPTPKQIMETDVETLHECGFSKLKSQEIHIVAEAALNKQIPSKSEIEKMSEEELMESLSKIKGVKR
WTIEMYSIFTLGRLDIMPADDSTLKNEAKEFFGLSSKPQTEEVEKLTKPCKPYRTIAAWYLWQIPKLHRKGQ
;
A
2 'polydeoxyribonucleotide' (DG)(DC)(DT)(DA)(DC)(3DR)(DC)(DA)(DT)(DC)(DG) X
3 'polydeoxyribonucleotide' (DC)(DG)(DA)(DT)(DG)(DG)(DG)(DT)(DA)(DG)(DC) Y
#
# COMPACT_ATOMS: atom_id res chain seq x y z
N ASP A 23 -4.31 -11.61 -13.84
CA ASP A 23 -3.25 -12.39 -14.54
C ASP A 23 -3.05 -11.84 -15.94
N SER A 24 -4.15 -11.58 -16.64
CA SER A 24 -4.08 -11.04 -17.99
C SER A 24 -3.57 -9.59 -17.92
N ASP A 25 -3.97 -8.88 -16.88
CA ASP A 25 -3.53 -7.50 -16.70
C ASP A 25 -2.02 -7.44 -16.57
N TYR A 26 -1.47 -8.35 -15.76
CA TYR A 26 -0.04 -8.39 -15.54
C TYR A 26 0.73 -8.73 -16.82
N LYS A 27 0.21 -9.65 -17.61
CA LYS A 27 0.88 -10.00 -18.86
C LYS A 27 0.97 -8.76 -19.71
N ARG A 28 -0.16 -8.06 -19.87
CA ARG A 28 -0.21 -6.83 -20.64
C ARG A 28 0.72 -5.76 -20.07
N ALA A 29 0.76 -5.67 -18.74
CA ALA A 29 1.61 -4.70 -18.07
C ALA A 29 3.07 -5.02 -18.33
N GLU A 30 3.42 -6.30 -18.21
CA GLU A 30 4.79 -6.75 -18.43
C GLU A 30 5.23 -6.46 -19.86
N LYS A 31 4.35 -6.69 -20.82
CA LYS A 31 4.68 -6.42 -22.21
C LYS A 31 4.87 -4.94 -22.44
N HIS A 32 4.05 -4.11 -21.80
CA HIS A 32 4.20 -2.68 -21.98
C HIS A 32 5.53 -2.21 -21.40
N LEU A 33 5.84 -2.64 -20.18
CA LEU A 33 7.09 -2.25 -19.53
C LEU A 33 8.30 -2.70 -20.34
N SER A 34 8.13 -3.78 -21.11
CA SER A 34 9.21 -4.31 -21.94
C SER A 34 9.27 -3.60 -23.28
N SER A 35 8.38 -2.62 -23.48
CA SER A 35 8.34 -1.88 -24.74
C SER A 35 8.90 -0.46 -24.59
N ILE A 36 9.26 -0.10 -23.36
CA ILE A 36 9.83 1.23 -23.09
C ILE A 36 11.31 1.11 -23.39
N ASP A 37 12.14 1.90 -22.72
CA ASP A 37 13.57 1.81 -22.98
C ASP A 37 14.09 0.44 -22.57
N ASN A 38 15.37 0.22 -22.86
CA ASN A 38 16.04 -1.04 -22.57
C ASN A 38 16.12 -1.48 -21.11
N LYS A 39 16.34 -0.54 -20.19
CA LYS A 39 16.46 -0.94 -18.79
C LYS A 39 15.21 -1.57 -18.20
N TRP A 40 14.02 -1.13 -18.63
CA TRP A 40 12.79 -1.74 -18.13
C TRP A 40 12.68 -3.15 -18.66
N SER A 41 12.99 -3.33 -19.94
CA SER A 41 12.93 -4.64 -20.57
C SER A 41 13.83 -5.62 -19.82
N SER A 42 15.06 -5.18 -19.56
CA SER A 42 16.03 -6.00 -18.85
C SER A 42 15.59 -6.34 -17.43
N LEU A 43 15.07 -5.35 -16.71
CA LEU A 43 14.63 -5.57 -15.33
C LEU A 43 13.49 -6.59 -15.25
N VAL A 44 12.51 -6.45 -16.15
CA VAL A 44 11.35 -7.35 -16.18
C VAL A 44 11.82 -8.77 -16.46
N LYS A 45 12.77 -8.91 -17.37
CA LYS A 45 13.29 -10.23 -17.73
C LYS A 45 14.00 -10.87 -16.54
N LYS A 46 14.86 -10.11 -15.87
CA LYS A 46 15.59 -10.62 -14.71
C LYS A 46 14.69 -10.99 -13.54
N VAL A 47 13.73 -10.13 -13.22
CA VAL A 47 12.81 -10.37 -12.11
C VAL A 47 11.78 -11.44 -12.42
N GLY A 48 11.32 -11.47 -13.66
CA GLY A 48 10.33 -12.45 -14.06
C GLY A 48 8.92 -11.93 -13.90
N PRO A 49 7.91 -12.80 -13.93
CA PRO A 49 6.48 -12.46 -13.79
C PRO A 49 6.15 -11.71 -12.50
N CYS A 50 5.23 -10.76 -12.59
CA CYS A 50 4.81 -10.00 -11.42
C CYS A 50 3.93 -10.90 -10.56
N THR A 51 4.27 -11.03 -9.28
CA THR A 51 3.53 -11.88 -8.37
C THR A 51 2.73 -11.08 -7.35
N LEU A 52 2.57 -9.78 -7.61
CA LEU A 52 1.83 -8.92 -6.71
C LEU A 52 0.44 -9.50 -6.46
N THR A 53 0.05 -9.60 -5.19
CA THR A 53 -1.25 -10.15 -4.84
C THR A 53 -2.06 -9.22 -3.93
N PRO A 54 -2.91 -8.37 -4.53
CA PRO A 54 -3.72 -7.46 -3.72
C PRO A 54 -4.88 -8.22 -3.09
N HIS A 55 -5.58 -7.59 -2.15
CA HIS A 55 -6.70 -8.21 -1.47
C HIS A 55 -7.92 -7.31 -1.43
N PRO A 56 -8.57 -7.11 -2.59
CA PRO A 56 -9.76 -6.25 -2.63
C PRO A 56 -10.95 -6.78 -1.83
N GLU A 57 -10.87 -8.03 -1.38
CA GLU A 57 -11.98 -8.60 -0.60
C GLU A 57 -11.98 -7.98 0.81
N HIS A 58 -10.86 -7.40 1.21
CA HIS A 58 -10.77 -6.75 2.52
C HIS A 58 -11.61 -5.49 2.55
N ALA A 59 -12.32 -5.26 3.66
CA ALA A 59 -13.13 -4.06 3.79
C ALA A 59 -12.19 -2.87 3.91
N PRO A 60 -12.67 -1.67 3.57
CA PRO A 60 -11.85 -0.45 3.65
C PRO A 60 -11.15 -0.25 4.99
N TYR A 61 -11.87 -0.45 6.10
CA TYR A 61 -11.26 -0.24 7.40
C TYR A 61 -10.09 -1.21 7.63
N GLU A 62 -10.18 -2.42 7.08
CA GLU A 62 -9.09 -3.39 7.25
C GLU A 62 -7.90 -2.99 6.39
N GLY A 63 -8.16 -2.66 5.14
CA GLY A 63 -7.08 -2.26 4.26
C GLY A 63 -6.39 -1.03 4.79
N ILE A 64 -7.19 -0.09 5.31
CA ILE A 64 -6.63 1.14 5.85
C ILE A 64 -5.77 0.86 7.07
N ILE A 65 -6.26 0.03 7.98
CA ILE A 65 -5.50 -0.31 9.17
C ILE A 65 -4.20 -1.04 8.80
N ARG A 66 -4.27 -1.94 7.83
CA ARG A 66 -3.08 -2.66 7.41
C ARG A 66 -2.05 -1.67 6.84
N ALA A 67 -2.52 -0.69 6.09
CA ALA A 67 -1.63 0.31 5.51
C ALA A 67 -1.01 1.19 6.59
N ILE A 68 -1.80 1.56 7.60
CA ILE A 68 -1.28 2.40 8.68
C ILE A 68 -0.19 1.64 9.44
N THR A 69 -0.46 0.37 9.74
CA THR A 69 0.49 -0.45 10.47
C THR A 69 1.85 -0.49 9.76
N SER A 70 1.84 -0.59 8.44
CA SER A 70 3.09 -0.70 7.65
C SER A 70 3.95 0.57 7.62
N GLN A 71 3.41 1.69 8.08
CA GLN A 71 4.17 2.95 8.08
C GLN A 71 5.50 2.79 8.82
N LYS A 72 6.60 3.10 8.14
CA LYS A 72 7.93 3.03 8.73
C LYS A 72 8.40 1.61 9.06
N LEU A 73 7.62 0.60 8.66
CA LEU A 73 7.97 -0.79 8.98
C LEU A 73 8.10 -1.72 7.78
N SER A 74 9.01 -2.69 7.89
CA SER A 74 9.21 -3.67 6.84
C SER A 74 7.99 -4.58 6.75
N ASP A 75 7.86 -5.31 5.65
CA ASP A 75 6.73 -6.22 5.49
C ASP A 75 6.71 -7.26 6.60
N ALA A 76 7.88 -7.77 6.95
CA ALA A 76 7.99 -8.80 8.00
C ALA A 76 7.56 -8.26 9.36
N ALA A 77 8.05 -7.09 9.73
CA ALA A 77 7.68 -6.50 11.02
C ALA A 77 6.17 -6.27 11.06
N THR A 78 5.64 -5.71 9.98
CA THR A 78 4.20 -5.44 9.88
C THR A 78 3.41 -6.74 10.04
N ASN A 79 3.85 -7.78 9.36
CA ASN A 79 3.17 -9.07 9.44
C ASN A 79 3.14 -9.64 10.85
N SER A 80 4.23 -9.52 11.59
CA SER A 80 4.28 -10.07 12.94
C SER A 80 3.29 -9.35 13.85
N ILE A 81 3.08 -8.06 13.59
CA ILE A 81 2.16 -7.25 14.38
C ILE A 81 0.72 -7.64 14.05
N ILE A 82 0.39 -7.69 12.76
CA ILE A 82 -0.94 -8.06 12.34
C ILE A 82 -1.26 -9.49 12.82
N ASN A 83 -0.27 -10.37 12.79
CA ASN A 83 -0.47 -11.74 13.25
C ASN A 83 -0.91 -11.77 14.70
N LYS A 84 -0.20 -11.03 15.56
CA LYS A 84 -0.55 -10.97 16.98
C LYS A 84 -1.95 -10.39 17.10
N PHE A 85 -2.21 -9.33 16.36
CA PHE A 85 -3.50 -8.63 16.36
C PHE A 85 -4.65 -9.59 16.06
N CYS A 86 -4.51 -10.34 14.98
CA CYS A 86 -5.54 -11.29 14.59
C CYS A 86 -5.67 -12.46 15.57
N THR A 87 -4.55 -12.90 16.11
CA THR A 87 -4.52 -14.01 17.05
C THR A 87 -5.16 -13.69 18.40
N GLN A 88 -4.84 -12.53 18.95
CA GLN A 88 -5.36 -12.11 20.24
C GLN A 88 -6.72 -11.43 20.25
N CYS A 89 -6.94 -10.52 19.29
CA CYS A 89 -8.20 -9.79 19.23
C CYS A 89 -9.29 -10.40 18.36
N SER A 90 -9.15 -11.67 18.02
CA SER A 90 -10.14 -12.34 17.20
C SER A 90 -10.36 -13.77 17.69
N ASP A 91 -11.62 -14.18 17.76
CA ASP A 91 -11.96 -15.52 18.22
C ASP A 91 -11.89 -16.57 17.12
N ASN A 92 -11.70 -16.11 15.88
CA ASN A 92 -11.60 -17.02 14.73
C ASN A 92 -10.33 -16.74 13.94
N ASP A 93 -9.39 -16.05 14.58
CA ASP A 93 -8.11 -15.70 13.98
C ASP A 93 -8.23 -14.91 12.68
N GLU A 94 -9.41 -14.36 12.43
CA GLU A 94 -9.65 -13.55 11.24
C GLU A 94 -9.41 -12.10 11.64
N PHE A 95 -9.42 -11.19 10.67
CA PHE A 95 -9.18 -9.79 11.00
C PHE A 95 -10.26 -9.29 11.97
N PRO A 96 -9.84 -8.65 13.07
CA PRO A 96 -10.81 -8.13 14.05
C PRO A 96 -11.85 -7.23 13.40
N THR A 97 -13.10 -7.36 13.83
CA THR A 97 -14.18 -6.55 13.31
C THR A 97 -14.08 -5.17 13.94
N PRO A 98 -14.79 -4.17 13.38
CA PRO A 98 -14.72 -2.83 13.97
C PRO A 98 -15.15 -2.86 15.44
N LYS A 99 -16.17 -3.64 15.74
CA LYS A 99 -16.67 -3.75 17.10
C LYS A 99 -15.61 -4.31 18.05
N GLN A 100 -14.94 -5.37 17.61
CA GLN A 100 -13.90 -5.98 18.44
C GLN A 100 -12.78 -4.99 18.70
N ILE A 101 -12.39 -4.24 17.68
CA ILE A 101 -11.33 -3.26 17.84
C ILE A 101 -11.76 -2.19 18.85
N MET A 102 -13.03 -1.81 18.81
CA MET A 102 -13.54 -0.81 19.72
C MET A 102 -13.53 -1.29 21.17
N GLU A 103 -13.81 -2.57 21.36
CA GLU A 103 -13.84 -3.17 22.68
C GLU A 103 -12.44 -3.35 23.26
N THR A 104 -11.43 -2.99 22.48
CA THR A 104 -10.05 -3.11 22.91
C THR A 104 -9.48 -1.72 23.19
N ASP A 105 -8.89 -1.52 24.36
CA ASP A 105 -8.31 -0.22 24.67
C ASP A 105 -6.95 -0.06 24.02
N VAL A 106 -6.57 1.19 23.75
CA VAL A 106 -5.31 1.50 23.10
C VAL A 106 -4.11 0.84 23.80
N GLU A 107 -4.23 0.63 25.11
CA GLU A 107 -3.16 0.02 25.89
C GLU A 107 -2.91 -1.40 25.40
N THR A 108 -3.99 -2.13 25.16
CA THR A 108 -3.90 -3.51 24.69
C THR A 108 -3.42 -3.55 23.24
N LEU A 109 -3.92 -2.63 22.42
CA LEU A 109 -3.51 -2.59 21.03
C LEU A 109 -2.00 -2.38 20.94
N HIS A 110 -1.48 -1.50 21.79
CA HIS A 110 -0.05 -1.21 21.80
C HIS A 110 0.78 -2.44 22.10
N GLU A 111 0.24 -3.34 22.92
CA GLU A 111 0.95 -4.56 23.29
C GLU A 111 1.13 -5.46 22.07
N CYS A 112 0.28 -5.30 21.05
CA CYS A 112 0.37 -6.10 19.84
C CYS A 112 1.56 -5.70 18.96
N GLY A 113 2.03 -4.46 19.15
CA GLY A 113 3.15 -4.00 18.34
C GLY A 113 2.80 -2.71 17.62
N PHE A 114 1.57 -2.25 17.80
CA PHE A 114 1.15 -1.00 17.19
C PHE A 114 1.77 0.08 18.05
N SER A 115 2.27 1.14 17.43
CA SER A 115 2.85 2.23 18.19
C SER A 115 1.67 2.85 18.94
N LYS A 116 1.95 3.61 19.99
CA LYS A 116 0.89 4.26 20.74
C LYS A 116 0.06 5.16 19.82
N LEU A 117 0.74 5.91 18.96
CA LEU A 117 0.04 6.79 18.03
C LEU A 117 -0.85 5.97 17.09
N LYS A 118 -0.30 4.93 16.51
CA LYS A 118 -1.07 4.09 15.61
C LYS A 118 -2.24 3.42 16.32
N SER A 119 -2.05 3.05 17.58
CA SER A 119 -3.13 2.41 18.34
C SER A 119 -4.33 3.34 18.42
N GLN A 120 -4.05 4.62 18.67
CA GLN A 120 -5.10 5.62 18.77
C GLN A 120 -5.79 5.78 17.42
N GLU A 121 -5.00 5.88 16.36
CA GLU A 121 -5.55 6.06 15.02
C GLU A 121 -6.40 4.89 14.56
N ILE A 122 -5.95 3.68 14.86
CA ILE A 122 -6.67 2.48 14.47
C ILE A 122 -8.01 2.40 15.21
N HIS A 123 -8.01 2.85 16.45
CA HIS A 123 -9.24 2.84 17.23
C HIS A 123 -10.25 3.79 16.57
N ILE A 124 -9.76 4.94 16.13
CA ILE A 124 -10.61 5.93 15.48
C ILE A 124 -11.14 5.40 14.15
N VAL A 125 -10.29 4.71 13.40
CA VAL A 125 -10.71 4.13 12.13
C VAL A 125 -11.82 3.11 12.39
N ALA A 126 -11.67 2.34 13.47
CA ALA A 126 -12.67 1.34 13.83
C ALA A 126 -14.00 2.03 14.15
N GLU A 127 -13.93 3.11 14.92
CA GLU A 127 -15.14 3.87 15.29
C GLU A 127 -15.82 4.36 14.02
N ALA A 128 -15.02 4.94 13.14
CA ALA A 128 -15.51 5.49 11.89
C ALA A 128 -16.22 4.43 11.06
N ALA A 129 -15.64 3.25 10.99
CA ALA A 129 -16.23 2.15 10.23
C ALA A 129 -17.57 1.80 10.86
N LEU A 130 -17.58 1.64 12.18
CA LEU A 130 -18.81 1.32 12.90
C LEU A 130 -19.91 2.35 12.67
N ASN A 131 -19.51 3.63 12.61
CA ASN A 131 -20.48 4.70 12.43
C ASN A 131 -20.70 5.11 10.98
N LYS A 132 -20.25 4.26 10.05
CA LYS A 132 -20.43 4.53 8.63
C LYS A 132 -19.86 5.87 8.20
N GLN A 133 -18.71 6.24 8.76
CA GLN A 133 -18.07 7.50 8.44
C GLN A 133 -17.00 7.34 7.36
N ILE A 134 -16.68 6.09 7.03
CA ILE A 134 -15.69 5.81 6.00
C ILE A 134 -16.44 5.53 4.71
N PRO A 135 -15.91 5.98 3.56
CA PRO A 135 -16.61 5.72 2.31
C PRO A 135 -16.79 4.21 2.15
N SER A 136 -17.92 3.77 1.62
CA SER A 136 -18.14 2.34 1.44
C SER A 136 -17.20 1.84 0.36
N LYS A 137 -16.98 0.53 0.30
CA LYS A 137 -16.09 -0.02 -0.72
C LYS A 137 -16.64 0.30 -2.10
N SER A 138 -17.96 0.26 -2.23
CA SER A 138 -18.61 0.55 -3.51
C SER A 138 -18.27 1.97 -3.98
N GLU A 139 -18.34 2.92 -3.07
CA GLU A 139 -18.03 4.30 -3.42
C GLU A 139 -16.55 4.50 -3.68
N ILE A 140 -15.72 3.81 -2.90
CA ILE A 140 -14.28 3.90 -3.07
C ILE A 140 -13.88 3.41 -4.47
N GLU A 141 -14.59 2.41 -4.98
CA GLU A 141 -14.29 1.87 -6.30
C GLU A 141 -14.64 2.84 -7.43
N LYS A 142 -15.55 3.77 -7.17
CA LYS A 142 -15.97 4.75 -8.18
C LYS A 142 -15.14 6.03 -8.10
N MET A 143 -14.22 6.09 -7.13
CA MET A 143 -13.41 7.28 -6.96
C MET A 143 -12.08 7.19 -7.70
N SER A 144 -11.65 8.32 -8.27
CA SER A 144 -10.37 8.39 -8.94
C SER A 144 -9.35 8.45 -7.81
N GLU A 145 -8.08 8.23 -8.12
CA GLU A 145 -7.06 8.30 -7.08
C GLU A 145 -7.06 9.69 -6.44
N GLU A 146 -7.30 10.72 -7.24
CA GLU A 146 -7.33 12.09 -6.73
C GLU A 146 -8.45 12.27 -5.72
N GLU A 147 -9.59 11.66 -6.01
CA GLU A 147 -10.74 11.76 -5.12
C GLU A 147 -10.50 10.94 -3.86
N LEU A 148 -9.87 9.78 -4.02
CA LEU A 148 -9.54 8.92 -2.89
C LEU A 148 -8.62 9.66 -1.94
N MET A 149 -7.65 10.37 -2.52
CA MET A 149 -6.68 11.14 -1.74
C MET A 149 -7.38 12.21 -0.92
N GLU A 150 -8.26 12.96 -1.57
CA GLU A 150 -8.99 14.03 -0.89
C GLU A 150 -9.90 13.50 0.21
N SER A 151 -10.49 12.34 -0.01
CA SER A 151 -11.40 11.73 0.95
C SER A 151 -10.72 11.05 2.14
N LEU A 152 -9.83 10.11 1.87
CA LEU A 152 -9.17 9.39 2.95
C LEU A 152 -8.14 10.21 3.74
N SER A 153 -7.61 11.27 3.15
CA SER A 153 -6.63 12.10 3.84
C SER A 153 -7.29 12.82 5.02
N LYS A 154 -8.62 12.74 5.10
CA LYS A 154 -9.35 13.36 6.19
C LYS A 154 -9.20 12.53 7.47
N ILE A 155 -8.73 11.29 7.30
CA ILE A 155 -8.55 10.38 8.42
C ILE A 155 -7.20 10.58 9.09
N LYS A 156 -7.21 10.73 10.42
CA LYS A 156 -5.99 10.92 11.18
C LYS A 156 -5.06 9.71 11.00
N GLY A 157 -3.84 9.97 10.52
CA GLY A 157 -2.88 8.90 10.31
C GLY A 157 -2.85 8.42 8.88
N VAL A 158 -3.76 8.91 8.06
CA VAL A 158 -3.85 8.50 6.67
C VAL A 158 -3.56 9.65 5.71
N LYS A 159 -2.42 9.59 5.02
CA LYS A 159 -2.07 10.62 4.05
C LYS A 159 -1.59 9.97 2.73
N ARG A 160 -0.94 10.74 1.86
CA ARG A 160 -0.50 10.23 0.55
C ARG A 160 0.06 8.83 0.48
N TRP A 161 1.15 8.58 1.20
CA TRP A 161 1.82 7.27 1.20
C TRP A 161 0.88 6.15 1.60
N THR A 162 0.17 6.35 2.70
CA THR A 162 -0.75 5.34 3.21
C THR A 162 -1.88 5.04 2.22
N ILE A 163 -2.40 6.07 1.56
CA ILE A 163 -3.47 5.88 0.60
C ILE A 163 -2.95 5.16 -0.65
N GLU A 164 -1.70 5.43 -1.02
CA GLU A 164 -1.10 4.74 -2.17
C GLU A 164 -0.96 3.25 -1.88
N MET A 165 -0.49 2.91 -0.68
CA MET A 165 -0.33 1.51 -0.31
C MET A 165 -1.69 0.81 -0.26
N TYR A 166 -2.70 1.50 0.25
CA TYR A 166 -4.06 0.94 0.30
C TYR A 166 -4.57 0.70 -1.12
N SER A 167 -4.28 1.65 -2.01
CA SER A 167 -4.71 1.56 -3.40
C SER A 167 -4.04 0.40 -4.13
N ILE A 168 -2.79 0.13 -3.79
CA ILE A 168 -2.03 -0.94 -4.41
C ILE A 168 -2.32 -2.32 -3.82
N PHE A 169 -2.11 -2.44 -2.52
CA PHE A 169 -2.27 -3.72 -1.86
C PHE A 169 -3.67 -4.19 -1.51
N THR A 170 -4.62 -3.27 -1.41
CA THR A 170 -5.98 -3.68 -1.13
C THR A 170 -6.85 -3.51 -2.39
N LEU A 171 -6.98 -2.28 -2.86
CA LEU A 171 -7.80 -2.01 -4.04
C LEU A 171 -7.38 -2.70 -5.33
N GLY A 172 -6.08 -2.94 -5.48
CA GLY A 172 -5.60 -3.60 -6.69
C GLY A 172 -5.48 -2.67 -7.88
N ARG A 173 -5.40 -1.37 -7.63
CA ARG A 173 -5.28 -0.42 -8.74
C ARG A 173 -3.92 -0.62 -9.42
N LEU A 174 -3.94 -0.57 -10.74
CA LEU A 174 -2.75 -0.82 -11.55
C LEU A 174 -1.84 0.34 -11.95
N ASP A 175 -2.31 1.58 -11.81
CA ASP A 175 -1.49 2.73 -12.24
C ASP A 175 -1.09 3.66 -11.11
N ILE A 176 -0.75 3.07 -9.96
CA ILE A 176 -0.32 3.85 -8.81
C ILE A 176 1.20 3.90 -8.72
N MET A 177 1.77 5.09 -8.79
CA MET A 177 3.21 5.26 -8.65
C MET A 177 3.47 5.95 -7.31
N PRO A 178 3.90 5.18 -6.31
CA PRO A 178 4.17 5.76 -4.98
C PRO A 178 5.54 6.43 -5.07
N ALA A 179 5.57 7.53 -5.81
CA ALA A 179 6.78 8.29 -6.05
C ALA A 179 7.46 8.82 -4.79
N ASP A 180 6.68 8.91 -3.71
CA ASP A 180 7.16 9.41 -2.43
C ASP A 180 7.74 8.32 -1.54
N ASP A 181 7.69 7.08 -1.99
CA ASP A 181 8.21 5.96 -1.22
C ASP A 181 9.74 6.01 -1.15
N SER A 182 10.29 6.06 0.06
CA SER A 182 11.73 6.14 0.27
C SER A 182 12.50 5.03 -0.44
N THR A 183 12.09 3.80 -0.24
CA THR A 183 12.75 2.65 -0.87
C THR A 183 12.68 2.72 -2.38
N LEU A 184 11.50 3.03 -2.91
CA LEU A 184 11.34 3.13 -4.35
C LEU A 184 12.30 4.20 -4.88
N LYS A 185 12.41 5.31 -4.15
CA LYS A 185 13.31 6.39 -4.54
C LYS A 185 14.75 5.87 -4.59
N ASN A 186 15.14 5.07 -3.62
CA ASN A 186 16.49 4.52 -3.61
C ASN A 186 16.68 3.61 -4.83
N GLU A 187 15.66 2.84 -5.16
CA GLU A 187 15.75 1.94 -6.31
C GLU A 187 15.78 2.73 -7.61
N ALA A 188 14.99 3.80 -7.67
CA ALA A 188 14.95 4.63 -8.85
C ALA A 188 16.32 5.27 -9.08
N LYS A 189 17.00 5.66 -8.01
CA LYS A 189 18.32 6.27 -8.15
C LYS A 189 19.26 5.31 -8.87
N GLU A 190 19.24 4.05 -8.46
CA GLU A 190 20.11 3.04 -9.06
C GLU A 190 19.65 2.70 -10.48
N PHE A 191 18.36 2.42 -10.62
CA PHE A 191 17.76 2.06 -11.90
C PHE A 191 17.98 3.10 -13.00
N PHE A 192 17.72 4.37 -12.69
CA PHE A 192 17.88 5.44 -13.67
C PHE A 192 19.29 6.03 -13.69
N GLY A 193 20.18 5.48 -12.87
CA GLY A 193 21.54 5.98 -12.82
C GLY A 193 21.61 7.46 -12.48
N LEU A 194 20.95 7.84 -11.40
CA LEU A 194 20.94 9.24 -10.97
C LEU A 194 22.09 9.47 -9.99
N SER A 195 22.54 10.72 -9.89
CA SER A 195 23.65 11.05 -9.00
C SER A 195 23.21 11.19 -7.55
N SER A 196 21.94 11.54 -7.33
CA SER A 196 21.42 11.69 -5.97
C SER A 196 20.02 11.11 -5.87
N LYS A 197 19.60 10.76 -4.65
CA LYS A 197 18.27 10.22 -4.44
C LYS A 197 17.28 11.25 -5.01
N PRO A 198 16.45 10.83 -5.98
CA PRO A 198 15.48 11.75 -6.58
C PRO A 198 14.34 12.24 -5.70
N GLN A 199 13.86 13.44 -6.00
CA GLN A 199 12.74 14.01 -5.28
C GLN A 199 11.51 13.28 -5.82
N THR A 200 10.40 13.41 -5.11
CA THR A 200 9.16 12.76 -5.51
C THR A 200 8.75 13.17 -6.93
N GLU A 201 8.81 14.47 -7.20
CA GLU A 201 8.48 15.03 -8.52
C GLU A 201 9.28 14.39 -9.65
N GLU A 202 10.56 14.12 -9.37
CA GLU A 202 11.46 13.51 -10.36
C GLU A 202 11.09 12.06 -10.65
N VAL A 203 10.74 11.31 -9.62
CA VAL A 203 10.34 9.92 -9.82
C VAL A 203 9.06 9.89 -10.67
N GLU A 204 8.17 10.85 -10.41
CA GLU A 204 6.92 10.92 -11.15
C GLU A 204 7.19 11.17 -12.62
N LYS A 205 8.15 12.05 -12.91
CA LYS A 205 8.50 12.36 -14.30
C LYS A 205 9.17 11.17 -15.01
N LEU A 206 10.13 10.55 -14.35
CA LEU A 206 10.87 9.43 -14.92
C LEU A 206 10.04 8.17 -15.19
N THR A 207 8.97 7.96 -14.41
CA THR A 207 8.13 6.78 -14.57
C THR A 207 6.87 6.99 -15.42
N LYS A 208 6.70 8.20 -15.93
CA LYS A 208 5.53 8.51 -16.76
C LYS A 208 5.33 7.52 -17.91
N PRO A 209 6.40 7.10 -18.60
CA PRO A 209 6.25 6.15 -19.71
C PRO A 209 5.62 4.82 -19.29
N CYS A 210 5.68 4.54 -17.98
CA CYS A 210 5.13 3.29 -17.45
C CYS A 210 3.61 3.24 -17.42
N LYS A 211 2.95 4.38 -17.60
CA LYS A 211 1.49 4.41 -17.62
C LYS A 211 1.04 3.49 -18.75
N PRO A 212 -0.12 2.81 -18.59
CA PRO A 212 -1.02 2.85 -17.44
C PRO A 212 -0.80 1.73 -16.42
N TYR A 213 0.44 1.28 -16.28
CA TYR A 213 0.73 0.20 -15.36
C TYR A 213 1.82 0.58 -14.36
N ARG A 214 1.76 1.80 -13.85
CA ARG A 214 2.77 2.25 -12.90
C ARG A 214 2.84 1.46 -11.60
N THR A 215 1.74 0.79 -11.22
CA THR A 215 1.78 -0.01 -10.00
C THR A 215 2.77 -1.15 -10.22
N ILE A 216 2.66 -1.78 -11.39
CA ILE A 216 3.52 -2.90 -11.74
C ILE A 216 4.96 -2.42 -11.89
N ALA A 217 5.13 -1.22 -12.43
CA ALA A 217 6.47 -0.65 -12.58
C ALA A 217 7.09 -0.47 -11.19
N ALA A 218 6.29 0.03 -10.25
CA ALA A 218 6.76 0.24 -8.88
C ALA A 218 7.16 -1.10 -8.27
N TRP A 219 6.33 -2.12 -8.49
CA TRP A 219 6.60 -3.45 -7.96
C TRP A 219 7.93 -3.97 -8.48
N TYR A 220 8.21 -3.79 -9.76
CA TYR A 220 9.47 -4.25 -10.31
C TYR A 220 10.65 -3.51 -9.68
N LEU A 221 10.52 -2.20 -9.50
CA LEU A 221 11.59 -1.44 -8.87
C LEU A 221 11.81 -1.99 -7.47
N TRP A 222 10.72 -2.32 -6.79
CA TRP A 222 10.79 -2.86 -5.43
C TRP A 222 11.48 -4.24 -5.38
N GLN A 223 11.62 -4.90 -6.52
CA GLN A 223 12.26 -6.22 -6.54
C GLN A 223 13.77 -6.14 -6.77
N ILE A 224 14.28 -4.96 -7.09
CA ILE A 224 15.70 -4.80 -7.36
C ILE A 224 16.60 -5.34 -6.25
N PRO A 225 16.26 -5.08 -4.98
CA PRO A 225 17.10 -5.60 -3.90
C PRO A 225 17.15 -7.13 -3.87
N LYS A 226 16.03 -7.78 -4.18
CA LYS A 226 15.96 -9.24 -4.19
C LYS A 226 16.78 -9.88 -5.31
N LEU A 227 17.50 -9.06 -6.07
CA LEU A 227 18.33 -9.58 -7.16
C LEU A 227 19.75 -9.88 -6.69
N HIS A 228 19.94 -10.91 -6.00
#